data_3R95
#
_entry.id   3R95
#
_cell.length_a   78.960
_cell.length_b   94.698
_cell.length_c   53.350
_cell.angle_alpha   90.000
_cell.angle_beta   90.000
_cell.angle_gamma   90.000
#
_symmetry.space_group_name_H-M   'P 21 21 2'
#
loop_
_entity.id
_entity.type
_entity.pdbx_description
1 polymer 'MccE protein'
2 non-polymer 'ACETYL COENZYME *A'
3 water water
#
_entity_poly.entity_id   1
_entity_poly.type   'polypeptide(L)'
_entity_poly.pdbx_seq_one_letter_code
;GSHMRKYDVSLTPSGIKVNDEITLLYPALKYAEELYLLINQNKINFIKSMAWPAFVNNISDSVSFIEQSMIDNQNEKALI
LFIKYKTKIAGVVSFNIIDHANKTAYIGYWLGANFQGKGIVTNAINKLIQEYGDSGVIKRFVIKCIVDNKKSNATALRCG
FTLEGVLQKAEILNGVSYDQNIYSKVIG
;
_entity_poly.pdbx_strand_id   A,B
#
# COMPACT_ATOMS: atom_id res chain seq x y z
N ASP A 8 -4.95 18.57 6.70
CA ASP A 8 -4.49 17.16 6.61
C ASP A 8 -4.10 16.66 8.00
N VAL A 9 -4.97 15.86 8.60
CA VAL A 9 -4.76 15.38 9.98
C VAL A 9 -3.64 14.35 10.11
N SER A 10 -3.17 13.81 8.99
CA SER A 10 -2.05 12.86 9.00
C SER A 10 -0.71 13.56 9.18
N LEU A 11 -0.69 14.87 8.96
CA LEU A 11 0.52 15.66 9.17
C LEU A 11 0.50 16.23 10.60
N THR A 12 1.16 15.50 11.49
CA THR A 12 1.14 15.82 12.92
C THR A 12 2.48 16.49 13.32
N PRO A 13 2.53 17.10 14.52
CA PRO A 13 3.79 17.74 14.93
C PRO A 13 4.97 16.76 15.10
N SER A 14 4.69 15.51 15.43
CA SER A 14 5.73 14.50 15.64
C SER A 14 6.15 13.78 14.37
N GLY A 15 5.32 13.84 13.34
CA GLY A 15 5.61 13.14 12.10
C GLY A 15 4.41 12.91 11.21
N ILE A 16 4.61 12.09 10.18
CA ILE A 16 3.59 11.83 9.18
C ILE A 16 2.96 10.47 9.43
N LYS A 17 1.64 10.46 9.64
CA LYS A 17 0.92 9.21 9.90
C LYS A 17 0.57 8.50 8.61
N VAL A 18 1.20 7.34 8.39
CA VAL A 18 1.00 6.53 7.18
C VAL A 18 -0.29 5.73 7.29
N ASN A 19 -0.41 4.97 8.38
CA ASN A 19 -1.61 4.21 8.67
C ASN A 19 -1.71 3.98 10.18
N ASP A 20 -2.62 3.09 10.59
CA ASP A 20 -2.81 2.79 12.02
C ASP A 20 -1.54 2.33 12.74
N GLU A 21 -0.63 1.68 12.01
CA GLU A 21 0.57 1.07 12.60
C GLU A 21 1.88 1.82 12.32
N ILE A 22 1.89 2.66 11.29
CA ILE A 22 3.13 3.30 10.84
C ILE A 22 3.06 4.82 10.94
N THR A 23 4.06 5.39 11.60
CA THR A 23 4.28 6.83 11.60
C THR A 23 5.73 7.11 11.23
N LEU A 24 5.92 8.13 10.40
CA LEU A 24 7.25 8.57 10.01
C LEU A 24 7.64 9.77 10.87
N LEU A 25 8.50 9.52 11.85
CA LEU A 25 8.87 10.49 12.87
C LEU A 25 9.92 11.47 12.39
N TYR A 26 9.73 12.74 12.71
CA TYR A 26 10.78 13.73 12.55
C TYR A 26 11.89 13.42 13.57
N PRO A 27 13.16 13.43 13.12
CA PRO A 27 14.26 13.10 14.03
C PRO A 27 14.28 13.98 15.27
N ALA A 28 14.69 13.38 16.38
CA ALA A 28 14.88 14.08 17.65
C ALA A 28 15.93 13.30 18.41
N LEU A 29 16.67 13.99 19.27
CA LEU A 29 17.74 13.35 20.04
C LEU A 29 17.26 12.24 20.96
N LYS A 30 16.00 12.29 21.36
CA LYS A 30 15.39 11.28 22.22
C LYS A 30 15.40 9.88 21.60
N TYR A 31 15.49 9.82 20.27
CA TYR A 31 15.49 8.54 19.55
C TYR A 31 16.87 7.89 19.45
N ALA A 32 17.91 8.58 19.91
CA ALA A 32 19.30 8.15 19.73
C ALA A 32 19.61 6.73 20.21
N GLU A 33 19.16 6.40 21.43
CA GLU A 33 19.47 5.10 22.02
C GLU A 33 18.79 3.94 21.27
N GLU A 34 17.50 4.07 21.02
CA GLU A 34 16.76 3.02 20.32
C GLU A 34 17.30 2.78 18.91
N LEU A 35 17.60 3.88 18.21
CA LEU A 35 18.18 3.81 16.87
C LEU A 35 19.53 3.10 16.88
N TYR A 36 20.38 3.45 17.85
CA TYR A 36 21.68 2.80 17.98
C TYR A 36 21.55 1.28 18.17
N LEU A 37 20.68 0.87 19.09
CA LEU A 37 20.47 -0.54 19.37
C LEU A 37 19.94 -1.29 18.14
N LEU A 38 19.07 -0.64 17.37
CA LEU A 38 18.55 -1.22 16.13
C LEU A 38 19.67 -1.46 15.12
N ILE A 39 20.54 -0.47 14.94
CA ILE A 39 21.67 -0.55 14.03
C ILE A 39 22.63 -1.67 14.46
N ASN A 40 22.96 -1.70 15.75
CA ASN A 40 23.87 -2.70 16.30
C ASN A 40 23.37 -4.13 16.08
N GLN A 41 22.07 -4.33 16.30
CA GLN A 41 21.39 -5.61 16.09
C GLN A 41 21.47 -6.07 14.64
N ASN A 42 21.54 -5.10 13.72
CA ASN A 42 21.49 -5.39 12.28
C ASN A 42 22.80 -5.16 11.54
N LYS A 43 23.87 -4.86 12.29
CA LYS A 43 25.14 -4.45 11.67
C LYS A 43 25.70 -5.44 10.64
N ILE A 44 25.76 -6.72 10.99
CA ILE A 44 26.34 -7.74 10.10
C ILE A 44 25.55 -7.86 8.78
N ASN A 45 24.22 -7.93 8.88
CA ASN A 45 23.38 -7.99 7.68
C ASN A 45 23.38 -6.70 6.86
N PHE A 46 23.41 -5.55 7.55
CA PHE A 46 23.39 -4.24 6.90
C PHE A 46 24.66 -3.92 6.09
N ILE A 47 25.80 -4.41 6.57
CA ILE A 47 27.09 -4.19 5.89
C ILE A 47 27.09 -4.77 4.47
N LYS A 48 26.29 -5.81 4.24
CA LYS A 48 26.17 -6.45 2.93
C LYS A 48 25.55 -5.53 1.87
N SER A 49 24.80 -4.52 2.30
CA SER A 49 24.03 -3.69 1.37
C SER A 49 24.27 -2.18 1.46
N MET A 50 24.87 -1.72 2.56
CA MET A 50 25.05 -0.28 2.79
C MET A 50 26.45 0.03 3.34
N ALA A 51 26.92 1.25 3.09
CA ALA A 51 28.30 1.65 3.41
C ALA A 51 28.50 2.18 4.84
N TRP A 52 27.45 2.75 5.41
CA TRP A 52 27.54 3.41 6.72
C TRP A 52 27.62 2.51 7.97
N PRO A 53 26.99 1.31 7.96
CA PRO A 53 26.93 0.51 9.18
C PRO A 53 28.28 0.09 9.78
N ALA A 54 29.28 -0.09 8.93
CA ALA A 54 30.62 -0.45 9.38
C ALA A 54 31.28 0.66 10.22
N PHE A 55 30.69 1.85 10.17
CA PHE A 55 31.21 3.04 10.85
C PHE A 55 30.40 3.45 12.08
N VAL A 56 29.40 2.65 12.44
CA VAL A 56 28.64 2.85 13.68
C VAL A 56 29.20 1.95 14.76
N ASN A 57 29.76 2.55 15.81
CA ASN A 57 30.44 1.81 16.86
C ASN A 57 29.94 2.12 18.27
N ASN A 58 29.26 3.24 18.41
CA ASN A 58 28.79 3.72 19.71
C ASN A 58 27.56 4.63 19.57
N ILE A 59 26.90 4.91 20.68
CA ILE A 59 25.70 5.75 20.70
C ILE A 59 25.97 7.18 20.18
N SER A 60 27.21 7.65 20.31
CA SER A 60 27.57 8.98 19.82
C SER A 60 27.49 9.08 18.30
N ASP A 61 27.62 7.96 17.60
CA ASP A 61 27.45 7.90 16.15
C ASP A 61 25.98 8.08 15.77
N SER A 62 25.09 7.60 16.63
CA SER A 62 23.66 7.78 16.46
C SER A 62 23.26 9.22 16.73
N VAL A 63 23.79 9.79 17.81
CA VAL A 63 23.58 11.20 18.15
C VAL A 63 24.05 12.13 17.01
N SER A 64 25.25 11.87 16.49
CA SER A 64 25.81 12.68 15.40
C SER A 64 24.95 12.61 14.15
N PHE A 65 24.41 11.43 13.86
CA PHE A 65 23.51 11.21 12.72
C PHE A 65 22.22 12.02 12.89
N ILE A 66 21.64 11.97 14.08
CA ILE A 66 20.42 12.72 14.38
C ILE A 66 20.64 14.23 14.28
N GLU A 67 21.76 14.69 14.85
CA GLU A 67 22.12 16.11 14.78
C GLU A 67 22.22 16.61 13.35
N GLN A 68 22.93 15.87 12.50
CA GLN A 68 23.06 16.25 11.10
C GLN A 68 21.73 16.16 10.35
N SER A 69 20.92 15.15 10.67
CA SER A 69 19.63 14.96 10.03
C SER A 69 18.70 16.12 10.35
N MET A 70 18.74 16.58 11.60
CA MET A 70 17.92 17.73 12.01
C MET A 70 18.34 19.01 11.31
N ILE A 71 19.65 19.21 11.15
CA ILE A 71 20.16 20.35 10.37
C ILE A 71 19.64 20.29 8.93
N ASP A 72 19.81 19.15 8.29
CA ASP A 72 19.40 18.99 6.90
C ASP A 72 17.89 19.10 6.70
N ASN A 73 17.12 18.56 7.65
CA ASN A 73 15.66 18.70 7.60
C ASN A 73 15.21 20.16 7.73
N GLN A 74 15.82 20.88 8.67
CA GLN A 74 15.53 22.29 8.89
C GLN A 74 15.69 23.12 7.61
N ASN A 75 16.76 22.84 6.87
CA ASN A 75 17.11 23.59 5.68
C ASN A 75 16.67 22.94 4.37
N GLU A 76 15.87 21.88 4.49
CA GLU A 76 15.32 21.15 3.35
C GLU A 76 16.39 20.62 2.39
N LYS A 77 17.58 20.35 2.91
CA LYS A 77 18.63 19.71 2.14
C LYS A 77 18.27 18.25 1.94
N ALA A 78 17.55 17.71 2.90
CA ALA A 78 17.10 16.32 2.89
C ALA A 78 15.82 16.20 3.69
N LEU A 79 15.21 15.01 3.64
CA LEU A 79 14.10 14.68 4.52
C LEU A 79 14.39 13.33 5.14
N ILE A 80 14.90 13.34 6.37
CA ILE A 80 15.22 12.11 7.08
C ILE A 80 14.11 11.81 8.06
N LEU A 81 13.54 10.61 7.98
CA LEU A 81 12.44 10.22 8.85
C LEU A 81 12.69 8.88 9.49
N PHE A 82 12.32 8.75 10.76
CA PHE A 82 12.48 7.49 11.47
C PHE A 82 11.16 6.75 11.44
N ILE A 83 11.19 5.54 10.89
CA ILE A 83 9.97 4.74 10.77
C ILE A 83 9.60 4.15 12.12
N LYS A 84 8.39 4.47 12.59
CA LYS A 84 7.84 3.86 13.79
C LYS A 84 6.75 2.87 13.39
N TYR A 85 6.96 1.61 13.77
CA TYR A 85 6.01 0.54 13.52
C TYR A 85 5.53 0.03 14.86
N LYS A 86 4.24 0.21 15.12
CA LYS A 86 3.66 -0.03 16.44
C LYS A 86 4.42 0.82 17.46
N THR A 87 5.09 0.20 18.42
CA THR A 87 5.77 0.97 19.48
C THR A 87 7.28 1.14 19.22
N LYS A 88 7.78 0.61 18.12
CA LYS A 88 9.22 0.52 17.90
C LYS A 88 9.70 1.28 16.67
N ILE A 89 10.91 1.82 16.77
CA ILE A 89 11.61 2.35 15.59
C ILE A 89 12.07 1.17 14.73
N ALA A 90 11.62 1.14 13.49
CA ALA A 90 11.82 0.02 12.58
C ALA A 90 12.95 0.25 11.59
N GLY A 91 13.26 1.52 11.35
CA GLY A 91 14.25 1.89 10.35
C GLY A 91 14.14 3.33 9.93
N VAL A 92 14.63 3.62 8.73
CA VAL A 92 14.69 4.98 8.21
C VAL A 92 14.17 5.00 6.78
N VAL A 93 13.32 5.99 6.48
CA VAL A 93 12.98 6.32 5.09
C VAL A 93 13.34 7.78 4.86
N SER A 94 13.85 8.10 3.67
CA SER A 94 14.39 9.43 3.46
C SER A 94 14.29 9.93 2.03
N PHE A 95 14.26 11.26 1.89
CA PHE A 95 14.76 11.89 0.68
C PHE A 95 16.21 12.22 1.04
N ASN A 96 17.14 11.39 0.60
CA ASN A 96 18.56 11.59 0.91
C ASN A 96 19.09 12.88 0.30
N ILE A 97 18.55 13.22 -0.87
CA ILE A 97 18.87 14.44 -1.59
C ILE A 97 17.55 15.05 -2.06
N ILE A 98 17.38 16.35 -1.83
CA ILE A 98 16.28 17.11 -2.42
C ILE A 98 16.86 18.17 -3.35
N ASP A 99 16.56 18.04 -4.64
CA ASP A 99 16.96 19.00 -5.66
C ASP A 99 15.76 19.90 -5.94
N HIS A 100 15.72 21.05 -5.26
CA HIS A 100 14.59 21.96 -5.36
C HIS A 100 14.45 22.57 -6.76
N ALA A 101 15.57 22.96 -7.34
CA ALA A 101 15.61 23.57 -8.67
C ALA A 101 14.95 22.67 -9.72
N ASN A 102 15.14 21.37 -9.59
CA ASN A 102 14.59 20.40 -10.53
C ASN A 102 13.42 19.60 -9.95
N LYS A 103 12.92 20.03 -8.79
CA LYS A 103 11.80 19.39 -8.10
C LYS A 103 11.95 17.87 -8.08
N THR A 104 13.13 17.41 -7.66
CA THR A 104 13.49 16.00 -7.65
C THR A 104 13.94 15.55 -6.26
N ALA A 105 13.42 14.40 -5.82
CA ALA A 105 13.84 13.81 -4.54
C ALA A 105 14.42 12.42 -4.78
N TYR A 106 15.55 12.15 -4.15
CA TYR A 106 16.22 10.86 -4.23
C TYR A 106 15.95 10.09 -2.94
N ILE A 107 15.38 8.89 -3.08
CA ILE A 107 14.84 8.14 -1.94
C ILE A 107 15.82 7.10 -1.40
N GLY A 108 15.88 6.98 -0.08
CA GLY A 108 16.64 5.92 0.57
C GLY A 108 15.78 5.23 1.62
N TYR A 109 16.12 4.00 1.96
CA TYR A 109 15.39 3.24 2.98
C TYR A 109 16.18 2.08 3.55
N TRP A 110 15.91 1.78 4.82
CA TRP A 110 16.34 0.53 5.42
C TRP A 110 15.45 0.14 6.58
N LEU A 111 15.35 -1.16 6.83
CA LEU A 111 14.56 -1.71 7.93
C LEU A 111 15.36 -2.77 8.67
N GLY A 112 15.18 -2.82 9.98
CA GLY A 112 15.69 -3.93 10.78
C GLY A 112 15.09 -5.23 10.30
N ALA A 113 15.85 -6.31 10.42
CA ALA A 113 15.42 -7.64 9.97
C ALA A 113 14.04 -8.04 10.50
N ASN A 114 13.76 -7.70 11.76
CA ASN A 114 12.49 -8.06 12.39
C ASN A 114 11.28 -7.28 11.87
N PHE A 115 11.54 -6.29 11.01
CA PHE A 115 10.49 -5.45 10.46
C PHE A 115 10.31 -5.62 8.96
N GLN A 116 11.13 -6.48 8.36
CA GLN A 116 11.04 -6.76 6.93
C GLN A 116 9.93 -7.76 6.64
N GLY A 117 9.37 -7.69 5.44
CA GLY A 117 8.30 -8.60 5.02
C GLY A 117 6.93 -8.16 5.48
N LYS A 118 6.80 -6.88 5.82
CA LYS A 118 5.55 -6.33 6.35
C LYS A 118 4.99 -5.17 5.52
N GLY A 119 5.64 -4.87 4.39
CA GLY A 119 5.21 -3.75 3.54
C GLY A 119 5.41 -2.36 4.11
N ILE A 120 6.26 -2.26 5.12
CA ILE A 120 6.47 -1.01 5.84
C ILE A 120 7.06 0.09 4.96
N VAL A 121 8.09 -0.24 4.20
CA VAL A 121 8.76 0.75 3.34
C VAL A 121 7.90 1.14 2.15
N THR A 122 7.24 0.15 1.54
CA THR A 122 6.29 0.42 0.45
C THR A 122 5.19 1.37 0.89
N ASN A 123 4.58 1.09 2.06
CA ASN A 123 3.57 1.99 2.60
C ASN A 123 4.11 3.39 2.89
N ALA A 124 5.33 3.45 3.44
CA ALA A 124 5.97 4.73 3.74
C ALA A 124 6.21 5.54 2.47
N ILE A 125 6.74 4.90 1.44
CA ILE A 125 7.06 5.57 0.17
C ILE A 125 5.81 6.09 -0.52
N ASN A 126 4.79 5.24 -0.62
CA ASN A 126 3.49 5.67 -1.17
C ASN A 126 2.97 6.93 -0.47
N LYS A 127 3.04 6.96 0.85
CA LYS A 127 2.59 8.13 1.62
C LYS A 127 3.39 9.40 1.28
N LEU A 128 4.71 9.25 1.19
CA LEU A 128 5.58 10.38 0.87
C LEU A 128 5.31 10.94 -0.53
N ILE A 129 5.08 10.04 -1.49
CA ILE A 129 4.81 10.45 -2.87
C ILE A 129 3.45 11.13 -2.97
N GLN A 130 2.46 10.63 -2.22
CA GLN A 130 1.18 11.32 -2.10
C GLN A 130 1.37 12.74 -1.58
N GLU A 131 2.06 12.87 -0.44
CA GLU A 131 2.18 14.15 0.26
C GLU A 131 3.01 15.18 -0.49
N TYR A 132 4.11 14.73 -1.10
CA TYR A 132 5.02 15.64 -1.81
C TYR A 132 4.75 15.73 -3.30
N GLY A 133 4.22 14.66 -3.88
CA GLY A 133 3.99 14.60 -5.32
C GLY A 133 2.68 15.24 -5.72
N ASP A 134 1.60 14.83 -5.05
CA ASP A 134 0.26 15.32 -5.38
C ASP A 134 0.04 16.77 -4.95
N SER A 135 0.95 17.28 -4.11
CA SER A 135 0.96 18.68 -3.70
C SER A 135 1.78 19.58 -4.63
N GLY A 136 2.54 18.95 -5.53
CA GLY A 136 3.33 19.67 -6.52
C GLY A 136 4.71 20.16 -6.06
N VAL A 137 5.13 19.73 -4.88
CA VAL A 137 6.44 20.10 -4.35
C VAL A 137 7.56 19.36 -5.10
N ILE A 138 7.34 18.07 -5.30
CA ILE A 138 8.28 17.22 -6.04
C ILE A 138 7.60 16.63 -7.27
N LYS A 139 8.22 16.77 -8.43
CA LYS A 139 7.68 16.19 -9.65
C LYS A 139 8.31 14.83 -9.98
N ARG A 140 9.57 14.65 -9.59
CA ARG A 140 10.31 13.45 -9.93
C ARG A 140 10.90 12.77 -8.69
N PHE A 141 10.53 11.51 -8.47
CA PHE A 141 11.10 10.71 -7.38
C PHE A 141 12.03 9.65 -7.96
N VAL A 142 13.18 9.47 -7.32
CA VAL A 142 14.22 8.58 -7.82
C VAL A 142 14.64 7.57 -6.77
N ILE A 143 14.75 6.30 -7.18
CA ILE A 143 15.38 5.26 -6.37
C ILE A 143 16.56 4.69 -7.14
N LYS A 144 17.74 4.79 -6.53
CA LYS A 144 18.94 4.15 -7.07
C LYS A 144 19.31 3.01 -6.14
N CYS A 145 19.54 1.84 -6.71
CA CYS A 145 19.97 0.70 -5.88
C CYS A 145 20.81 -0.28 -6.68
N ILE A 146 21.75 -0.91 -5.99
CA ILE A 146 22.65 -1.86 -6.62
C ILE A 146 21.87 -2.98 -7.30
N VAL A 147 22.31 -3.36 -8.50
CA VAL A 147 21.59 -4.32 -9.35
C VAL A 147 21.28 -5.63 -8.62
N ASP A 148 22.24 -6.11 -7.82
CA ASP A 148 22.12 -7.38 -7.10
C ASP A 148 21.30 -7.33 -5.82
N ASN A 149 20.87 -6.13 -5.42
CA ASN A 149 20.06 -5.98 -4.20
C ASN A 149 18.61 -6.36 -4.48
N LYS A 150 18.29 -7.63 -4.26
CA LYS A 150 17.01 -8.21 -4.62
C LYS A 150 15.82 -7.47 -3.99
N LYS A 151 15.88 -7.30 -2.67
CA LYS A 151 14.78 -6.69 -1.93
C LYS A 151 14.58 -5.22 -2.24
N SER A 152 15.67 -4.48 -2.45
CA SER A 152 15.53 -3.06 -2.76
C SER A 152 14.92 -2.83 -4.14
N ASN A 153 15.35 -3.62 -5.12
CA ASN A 153 14.77 -3.57 -6.45
C ASN A 153 13.28 -3.93 -6.43
N ALA A 154 12.92 -4.95 -5.66
CA ALA A 154 11.53 -5.36 -5.51
C ALA A 154 10.66 -4.24 -4.93
N THR A 155 11.19 -3.53 -3.93
CA THR A 155 10.49 -2.41 -3.31
C THR A 155 10.23 -1.28 -4.32
N ALA A 156 11.25 -0.93 -5.10
CA ALA A 156 11.11 0.10 -6.13
C ALA A 156 9.95 -0.23 -7.09
N LEU A 157 9.94 -1.46 -7.59
CA LEU A 157 8.88 -1.91 -8.50
C LEU A 157 7.51 -1.98 -7.84
N ARG A 158 7.49 -2.41 -6.58
CA ARG A 158 6.27 -2.50 -5.77
C ARG A 158 5.61 -1.13 -5.60
N CYS A 159 6.43 -0.09 -5.56
CA CYS A 159 5.96 1.29 -5.41
C CYS A 159 5.61 1.96 -6.74
N GLY A 160 5.63 1.19 -7.82
CA GLY A 160 5.23 1.70 -9.13
C GLY A 160 6.27 2.53 -9.86
N PHE A 161 7.54 2.37 -9.49
CA PHE A 161 8.64 3.04 -10.18
C PHE A 161 8.95 2.32 -11.49
N THR A 162 9.52 3.06 -12.43
CA THR A 162 9.91 2.52 -13.74
C THR A 162 11.43 2.55 -13.87
N LEU A 163 12.01 1.43 -14.30
CA LEU A 163 13.45 1.35 -14.56
C LEU A 163 13.85 2.25 -15.74
N GLU A 164 14.79 3.16 -15.49
CA GLU A 164 15.27 4.09 -16.52
C GLU A 164 16.59 3.66 -17.15
N GLY A 165 17.42 2.95 -16.39
CA GLY A 165 18.72 2.53 -16.90
C GLY A 165 19.60 1.89 -15.85
N VAL A 166 20.79 1.47 -16.27
CA VAL A 166 21.79 0.93 -15.37
C VAL A 166 22.97 1.89 -15.33
N LEU A 167 23.33 2.33 -14.13
CA LEU A 167 24.43 3.25 -13.92
C LEU A 167 25.67 2.43 -13.59
N GLN A 168 26.62 2.43 -14.52
CA GLN A 168 27.82 1.60 -14.42
C GLN A 168 28.72 2.01 -13.27
N LYS A 169 29.05 1.03 -12.41
CA LYS A 169 30.03 1.20 -11.34
C LYS A 169 29.80 2.48 -10.52
N ALA A 170 28.58 2.63 -10.04
CA ALA A 170 28.11 3.88 -9.46
C ALA A 170 28.03 3.91 -7.94
N GLU A 171 28.06 2.73 -7.31
CA GLU A 171 27.98 2.67 -5.85
C GLU A 171 29.08 1.80 -5.27
N ILE A 172 29.86 2.40 -4.38
CA ILE A 172 30.99 1.71 -3.75
C ILE A 172 30.61 1.14 -2.39
N LEU A 173 30.84 -0.16 -2.24
CA LEU A 173 30.79 -0.80 -0.94
C LEU A 173 32.13 -1.51 -0.74
N ASN A 174 32.82 -1.16 0.35
CA ASN A 174 34.11 -1.77 0.70
C ASN A 174 35.13 -1.69 -0.43
N GLY A 175 35.29 -0.49 -1.00
CA GLY A 175 36.28 -0.26 -2.06
C GLY A 175 35.96 -0.86 -3.42
N VAL A 176 34.80 -1.50 -3.55
CA VAL A 176 34.36 -2.10 -4.82
C VAL A 176 33.16 -1.34 -5.39
N SER A 177 33.28 -0.92 -6.65
CA SER A 177 32.19 -0.21 -7.34
C SER A 177 31.19 -1.20 -7.95
N TYR A 178 29.90 -0.95 -7.70
CA TYR A 178 28.83 -1.79 -8.23
C TYR A 178 27.87 -1.00 -9.12
N ASP A 179 27.31 -1.68 -10.11
CA ASP A 179 26.28 -1.10 -10.97
C ASP A 179 25.01 -0.84 -10.18
N GLN A 180 24.32 0.23 -10.54
CA GLN A 180 23.03 0.58 -9.94
C GLN A 180 21.94 0.56 -10.99
N ASN A 181 20.75 0.09 -10.59
CA ASN A 181 19.54 0.40 -11.32
C ASN A 181 19.03 1.77 -10.88
N ILE A 182 18.61 2.59 -11.82
CA ILE A 182 17.94 3.85 -11.50
C ILE A 182 16.47 3.78 -11.91
N TYR A 183 15.59 4.00 -10.93
CA TYR A 183 14.15 3.97 -11.12
C TYR A 183 13.58 5.35 -10.89
N SER A 184 12.48 5.67 -11.54
CA SER A 184 11.79 6.93 -11.26
C SER A 184 10.29 6.77 -11.17
N LYS A 185 9.67 7.68 -10.44
CA LYS A 185 8.23 7.87 -10.48
C LYS A 185 7.96 9.36 -10.66
N VAL A 186 7.33 9.70 -11.78
CA VAL A 186 7.12 11.09 -12.17
C VAL A 186 5.64 11.43 -12.03
N ILE A 187 5.36 12.62 -11.50
CA ILE A 187 3.99 13.07 -11.30
C ILE A 187 3.52 13.90 -12.50
N PRO B 13 -9.92 -16.91 -20.34
CA PRO B 13 -11.36 -16.75 -20.48
C PRO B 13 -12.10 -16.95 -19.16
N SER B 14 -11.50 -17.71 -18.24
CA SER B 14 -12.10 -17.99 -16.94
C SER B 14 -12.03 -16.79 -16.01
N GLY B 15 -11.01 -15.98 -16.16
CA GLY B 15 -10.83 -14.80 -15.33
C GLY B 15 -9.55 -14.03 -15.58
N ILE B 16 -9.25 -13.11 -14.68
CA ILE B 16 -8.05 -12.28 -14.75
C ILE B 16 -7.03 -12.81 -13.74
N LYS B 17 -5.87 -13.21 -14.23
CA LYS B 17 -4.82 -13.74 -13.37
C LYS B 17 -4.08 -12.60 -12.67
N VAL B 18 -3.98 -12.70 -11.35
CA VAL B 18 -3.25 -11.72 -10.53
C VAL B 18 -1.82 -12.21 -10.28
N ASN B 19 -1.71 -13.45 -9.79
CA ASN B 19 -0.43 -14.14 -9.65
C ASN B 19 -0.68 -15.64 -9.67
N ASP B 20 0.34 -16.44 -9.34
CA ASP B 20 0.19 -17.90 -9.39
C ASP B 20 -0.77 -18.46 -8.33
N GLU B 21 -1.13 -17.62 -7.37
CA GLU B 21 -2.02 -18.02 -6.28
C GLU B 21 -3.44 -17.48 -6.44
N ILE B 22 -3.57 -16.37 -7.17
CA ILE B 22 -4.85 -15.65 -7.27
C ILE B 22 -5.29 -15.45 -8.72
N THR B 23 -6.52 -15.87 -9.01
CA THR B 23 -7.20 -15.50 -10.25
C THR B 23 -8.57 -14.95 -9.91
N LEU B 24 -8.95 -13.86 -10.59
CA LEU B 24 -10.27 -13.24 -10.41
C LEU B 24 -11.20 -13.80 -11.46
N LEU B 25 -12.16 -14.62 -11.02
CA LEU B 25 -13.04 -15.35 -11.92
C LEU B 25 -14.28 -14.56 -12.29
N TYR B 26 -14.64 -14.63 -13.56
CA TYR B 26 -15.95 -14.16 -14.00
C TYR B 26 -17.01 -15.06 -13.37
N PRO B 27 -18.09 -14.48 -12.84
CA PRO B 27 -19.15 -15.25 -12.19
C PRO B 27 -19.69 -16.36 -13.09
N ALA B 28 -19.94 -17.51 -12.48
CA ALA B 28 -20.51 -18.66 -13.16
C ALA B 28 -21.32 -19.46 -12.15
N LEU B 29 -22.38 -20.11 -12.61
CA LEU B 29 -23.31 -20.83 -11.74
C LEU B 29 -22.68 -21.99 -10.98
N LYS B 30 -21.60 -22.55 -11.53
CA LYS B 30 -20.91 -23.68 -10.91
C LYS B 30 -20.21 -23.34 -9.59
N TYR B 31 -20.15 -22.04 -9.27
CA TYR B 31 -19.56 -21.59 -8.01
C TYR B 31 -20.62 -21.34 -6.93
N ALA B 32 -21.88 -21.62 -7.25
CA ALA B 32 -23.01 -21.29 -6.38
C ALA B 32 -22.92 -21.87 -4.97
N GLU B 33 -22.64 -23.16 -4.88
CA GLU B 33 -22.58 -23.83 -3.58
C GLU B 33 -21.37 -23.39 -2.75
N GLU B 34 -20.20 -23.31 -3.37
CA GLU B 34 -18.99 -22.90 -2.66
C GLU B 34 -19.12 -21.48 -2.13
N LEU B 35 -19.65 -20.58 -2.96
CA LEU B 35 -19.91 -19.20 -2.52
C LEU B 35 -20.93 -19.15 -1.37
N TYR B 36 -22.01 -19.92 -1.49
CA TYR B 36 -23.03 -19.98 -0.45
C TYR B 36 -22.47 -20.43 0.90
N LEU B 37 -21.70 -21.51 0.89
CA LEU B 37 -21.12 -22.04 2.13
C LEU B 37 -20.12 -21.07 2.74
N LEU B 38 -19.35 -20.40 1.89
CA LEU B 38 -18.40 -19.38 2.35
C LEU B 38 -19.12 -18.24 3.07
N ILE B 39 -20.21 -17.76 2.48
CA ILE B 39 -21.04 -16.72 3.09
C ILE B 39 -21.60 -17.18 4.44
N ASN B 40 -22.12 -18.40 4.48
CA ASN B 40 -22.70 -18.97 5.70
C ASN B 40 -21.72 -19.04 6.87
N GLN B 41 -20.49 -19.47 6.58
CA GLN B 41 -19.45 -19.58 7.61
C GLN B 41 -19.06 -18.23 8.21
N ASN B 42 -19.28 -17.17 7.44
CA ASN B 42 -18.86 -15.82 7.80
C ASN B 42 -20.00 -14.86 8.16
N LYS B 43 -21.23 -15.35 8.08
CA LYS B 43 -22.43 -14.48 8.08
C LYS B 43 -22.56 -13.52 9.25
N ILE B 44 -22.40 -14.02 10.48
CA ILE B 44 -22.62 -13.20 11.67
C ILE B 44 -21.56 -12.10 11.85
N ASN B 45 -20.31 -12.40 11.49
CA ASN B 45 -19.27 -11.37 11.46
C ASN B 45 -19.48 -10.38 10.30
N PHE B 46 -19.93 -10.89 9.16
CA PHE B 46 -20.19 -10.07 7.98
C PHE B 46 -21.32 -9.07 8.21
N ILE B 47 -22.29 -9.43 9.06
CA ILE B 47 -23.40 -8.55 9.39
C ILE B 47 -22.95 -7.29 10.17
N LYS B 48 -21.79 -7.39 10.82
CA LYS B 48 -21.20 -6.24 11.51
C LYS B 48 -20.67 -5.17 10.55
N SER B 49 -20.40 -5.55 9.30
CA SER B 49 -19.71 -4.67 8.35
C SER B 49 -20.42 -4.43 7.01
N MET B 50 -21.35 -5.31 6.66
CA MET B 50 -22.04 -5.23 5.36
C MET B 50 -23.53 -5.53 5.51
N ALA B 51 -24.33 -5.02 4.59
CA ALA B 51 -25.78 -5.15 4.65
C ALA B 51 -26.32 -6.37 3.90
N TRP B 52 -25.66 -6.72 2.78
CA TRP B 52 -26.13 -7.80 1.90
C TRP B 52 -26.26 -9.20 2.52
N PRO B 53 -25.42 -9.57 3.52
CA PRO B 53 -25.50 -10.95 4.04
C PRO B 53 -26.88 -11.38 4.52
N ALA B 54 -27.70 -10.42 4.96
CA ALA B 54 -29.07 -10.69 5.39
C ALA B 54 -29.97 -11.21 4.26
N PHE B 55 -29.56 -10.97 3.02
CA PHE B 55 -30.33 -11.37 1.85
C PHE B 55 -29.89 -12.71 1.26
N VAL B 56 -28.84 -13.29 1.84
CA VAL B 56 -28.35 -14.61 1.43
C VAL B 56 -28.67 -15.64 2.52
N ASN B 57 -29.67 -16.47 2.26
CA ASN B 57 -30.17 -17.42 3.25
C ASN B 57 -30.30 -18.84 2.70
N ASN B 58 -30.58 -18.94 1.41
CA ASN B 58 -30.71 -20.21 0.71
C ASN B 58 -29.74 -20.27 -0.47
N ILE B 59 -29.44 -21.48 -0.93
CA ILE B 59 -28.57 -21.67 -2.10
C ILE B 59 -29.13 -20.94 -3.33
N SER B 60 -30.45 -20.83 -3.39
CA SER B 60 -31.13 -20.08 -4.44
C SER B 60 -30.75 -18.59 -4.45
N ASP B 61 -30.42 -18.05 -3.28
CA ASP B 61 -29.97 -16.66 -3.14
C ASP B 61 -28.57 -16.46 -3.73
N SER B 62 -27.74 -17.49 -3.60
CA SER B 62 -26.40 -17.49 -4.22
C SER B 62 -26.52 -17.56 -5.74
N VAL B 63 -27.43 -18.41 -6.22
CA VAL B 63 -27.70 -18.56 -7.65
C VAL B 63 -28.22 -17.25 -8.25
N SER B 64 -29.17 -16.61 -7.56
CA SER B 64 -29.74 -15.34 -8.01
C SER B 64 -28.69 -14.23 -8.07
N PHE B 65 -27.81 -14.18 -7.08
CA PHE B 65 -26.72 -13.22 -7.06
C PHE B 65 -25.76 -13.41 -8.23
N ILE B 66 -25.41 -14.66 -8.52
CA ILE B 66 -24.53 -14.99 -9.65
C ILE B 66 -25.18 -14.59 -10.98
N GLU B 67 -26.44 -14.94 -11.16
CA GLU B 67 -27.19 -14.62 -12.38
C GLU B 67 -27.24 -13.11 -12.64
N GLN B 68 -27.53 -12.34 -11.58
CA GLN B 68 -27.57 -10.88 -11.67
C GLN B 68 -26.18 -10.28 -11.94
N SER B 69 -25.16 -10.86 -11.32
CA SER B 69 -23.77 -10.40 -11.50
C SER B 69 -23.29 -10.62 -12.94
N MET B 70 -23.72 -11.72 -13.55
CA MET B 70 -23.40 -12.01 -14.94
C MET B 70 -24.05 -10.99 -15.89
N ILE B 71 -25.28 -10.61 -15.57
CA ILE B 71 -26.00 -9.59 -16.35
C ILE B 71 -25.36 -8.22 -16.19
N ASP B 72 -25.00 -7.87 -14.95
CA ASP B 72 -24.38 -6.56 -14.64
C ASP B 72 -23.01 -6.40 -15.31
N ASN B 73 -22.23 -7.49 -15.32
CA ASN B 73 -20.93 -7.50 -15.99
C ASN B 73 -21.06 -7.30 -17.50
N GLN B 74 -22.10 -7.90 -18.07
CA GLN B 74 -22.42 -7.78 -19.50
C GLN B 74 -22.76 -6.34 -19.86
N ASN B 75 -23.61 -5.72 -19.04
CA ASN B 75 -24.07 -4.35 -19.27
C ASN B 75 -23.04 -3.28 -18.92
N GLU B 76 -21.97 -3.69 -18.23
CA GLU B 76 -20.87 -2.81 -17.82
C GLU B 76 -21.30 -1.75 -16.80
N LYS B 77 -22.42 -1.99 -16.12
CA LYS B 77 -22.88 -1.16 -15.01
C LYS B 77 -21.99 -1.41 -13.79
N ALA B 78 -21.47 -2.63 -13.71
CA ALA B 78 -20.64 -3.06 -12.59
C ALA B 78 -19.62 -4.09 -13.06
N LEU B 79 -18.67 -4.40 -12.19
CA LEU B 79 -17.76 -5.51 -12.41
C LEU B 79 -17.72 -6.34 -11.13
N ILE B 80 -18.21 -7.58 -11.22
CA ILE B 80 -18.23 -8.48 -10.07
C ILE B 80 -17.33 -9.67 -10.40
N LEU B 81 -16.34 -9.91 -9.55
CA LEU B 81 -15.40 -11.01 -9.76
C LEU B 81 -15.26 -11.85 -8.51
N PHE B 82 -15.18 -13.17 -8.68
CA PHE B 82 -14.99 -14.09 -7.57
C PHE B 82 -13.51 -14.40 -7.40
N ILE B 83 -12.97 -14.08 -6.23
CA ILE B 83 -11.56 -14.31 -5.97
C ILE B 83 -11.29 -15.80 -5.74
N LYS B 84 -10.44 -16.39 -6.57
CA LYS B 84 -10.01 -17.77 -6.37
C LYS B 84 -8.57 -17.80 -5.88
N TYR B 85 -8.37 -18.33 -4.69
CA TYR B 85 -7.05 -18.39 -4.07
C TYR B 85 -6.70 -19.83 -3.75
N LYS B 86 -5.61 -20.29 -4.36
CA LYS B 86 -5.09 -21.65 -4.13
C LYS B 86 -6.22 -22.70 -4.25
N THR B 87 -6.97 -22.57 -5.35
CA THR B 87 -8.09 -23.45 -5.77
C THR B 87 -9.45 -23.22 -5.06
N LYS B 88 -9.50 -22.32 -4.08
CA LYS B 88 -10.73 -22.07 -3.32
C LYS B 88 -11.30 -20.68 -3.54
N ILE B 89 -12.63 -20.57 -3.58
CA ILE B 89 -13.29 -19.27 -3.62
C ILE B 89 -13.06 -18.56 -2.28
N ALA B 90 -12.44 -17.40 -2.34
CA ALA B 90 -11.96 -16.68 -1.16
C ALA B 90 -12.85 -15.49 -0.80
N GLY B 91 -13.56 -14.97 -1.79
CA GLY B 91 -14.42 -13.81 -1.61
C GLY B 91 -14.72 -13.13 -2.93
N VAL B 92 -15.07 -11.85 -2.84
CA VAL B 92 -15.49 -11.07 -4.01
C VAL B 92 -14.74 -9.74 -4.03
N VAL B 93 -14.27 -9.36 -5.22
CA VAL B 93 -13.78 -8.01 -5.46
C VAL B 93 -14.60 -7.43 -6.61
N SER B 94 -14.94 -6.14 -6.51
CA SER B 94 -15.90 -5.56 -7.43
C SER B 94 -15.70 -4.08 -7.72
N PHE B 95 -16.14 -3.66 -8.90
CA PHE B 95 -16.54 -2.28 -9.10
C PHE B 95 -18.05 -2.31 -8.92
N ASN B 96 -18.52 -1.93 -7.73
CA ASN B 96 -19.95 -1.94 -7.43
C ASN B 96 -20.73 -0.98 -8.33
N ILE B 97 -20.09 0.14 -8.67
CA ILE B 97 -20.64 1.12 -9.59
C ILE B 97 -19.55 1.52 -10.59
N ILE B 98 -19.87 1.46 -11.88
CA ILE B 98 -19.00 2.04 -12.90
C ILE B 98 -19.69 3.26 -13.51
N ASP B 99 -19.03 4.41 -13.38
CA ASP B 99 -19.52 5.67 -13.93
C ASP B 99 -18.67 6.01 -15.14
N HIS B 100 -19.11 5.53 -16.31
CA HIS B 100 -18.36 5.72 -17.55
C HIS B 100 -18.21 7.19 -17.96
N ALA B 101 -19.27 7.97 -17.77
CA ALA B 101 -19.26 9.40 -18.09
C ALA B 101 -18.10 10.12 -17.40
N ASN B 102 -17.86 9.77 -16.13
CA ASN B 102 -16.79 10.38 -15.35
C ASN B 102 -15.56 9.48 -15.18
N LYS B 103 -15.51 8.39 -15.94
CA LYS B 103 -14.40 7.41 -15.88
C LYS B 103 -14.02 7.08 -14.44
N THR B 104 -15.03 6.75 -13.64
CA THR B 104 -14.87 6.51 -12.21
C THR B 104 -15.43 5.14 -11.82
N ALA B 105 -14.68 4.40 -11.01
CA ALA B 105 -15.13 3.12 -10.49
C ALA B 105 -15.15 3.13 -8.96
N TYR B 106 -16.24 2.65 -8.39
CA TYR B 106 -16.39 2.52 -6.94
C TYR B 106 -16.17 1.07 -6.53
N ILE B 107 -15.14 0.85 -5.71
CA ILE B 107 -14.67 -0.49 -5.39
C ILE B 107 -15.32 -1.07 -4.13
N GLY B 108 -15.64 -2.36 -4.20
CA GLY B 108 -16.08 -3.14 -3.04
C GLY B 108 -15.24 -4.39 -2.90
N TYR B 109 -15.22 -4.96 -1.70
CA TYR B 109 -14.49 -6.19 -1.44
C TYR B 109 -14.93 -6.88 -0.17
N TRP B 110 -14.85 -8.21 -0.18
CA TRP B 110 -14.93 -8.99 1.05
C TRP B 110 -14.18 -10.30 0.90
N LEU B 111 -13.69 -10.81 2.02
CA LEU B 111 -12.98 -12.08 2.08
C LEU B 111 -13.52 -12.90 3.23
N GLY B 112 -13.66 -14.20 3.00
CA GLY B 112 -13.91 -15.13 4.11
C GLY B 112 -12.75 -15.03 5.09
N ALA B 113 -13.05 -15.21 6.37
CA ALA B 113 -12.04 -15.02 7.42
C ALA B 113 -10.81 -15.89 7.21
N ASN B 114 -11.01 -17.10 6.68
CA ASN B 114 -9.90 -18.03 6.43
C ASN B 114 -8.91 -17.52 5.39
N PHE B 115 -9.31 -16.48 4.65
CA PHE B 115 -8.53 -15.95 3.55
C PHE B 115 -7.97 -14.58 3.84
N GLN B 116 -8.28 -14.05 5.02
CA GLN B 116 -7.76 -12.74 5.42
C GLN B 116 -6.32 -12.82 5.91
N GLY B 117 -5.62 -11.69 5.86
CA GLY B 117 -4.24 -11.60 6.34
C GLY B 117 -3.18 -12.07 5.35
N LYS B 118 -3.56 -12.19 4.08
CA LYS B 118 -2.68 -12.75 3.05
C LYS B 118 -2.42 -11.80 1.88
N GLY B 119 -2.96 -10.58 1.95
CA GLY B 119 -2.77 -9.59 0.89
C GLY B 119 -3.56 -9.84 -0.38
N ILE B 120 -4.56 -10.71 -0.29
CA ILE B 120 -5.33 -11.15 -1.46
C ILE B 120 -6.10 -9.99 -2.13
N VAL B 121 -6.81 -9.20 -1.33
CA VAL B 121 -7.60 -8.08 -1.86
C VAL B 121 -6.71 -6.94 -2.37
N THR B 122 -5.66 -6.63 -1.62
CA THR B 122 -4.68 -5.62 -2.06
C THR B 122 -4.08 -5.99 -3.41
N ASN B 123 -3.65 -7.25 -3.55
CA ASN B 123 -3.10 -7.72 -4.82
C ASN B 123 -4.15 -7.72 -5.94
N ALA B 124 -5.38 -8.09 -5.60
CA ALA B 124 -6.49 -8.08 -6.55
C ALA B 124 -6.79 -6.67 -7.06
N ILE B 125 -6.89 -5.72 -6.13
CA ILE B 125 -7.17 -4.32 -6.47
C ILE B 125 -6.04 -3.73 -7.31
N ASN B 126 -4.80 -4.00 -6.94
CA ASN B 126 -3.64 -3.52 -7.69
C ASN B 126 -3.70 -3.97 -9.15
N LYS B 127 -4.07 -5.24 -9.38
CA LYS B 127 -4.22 -5.77 -10.74
C LYS B 127 -5.37 -5.10 -11.50
N LEU B 128 -6.52 -4.93 -10.84
CA LEU B 128 -7.67 -4.27 -11.47
C LEU B 128 -7.40 -2.81 -11.84
N ILE B 129 -6.66 -2.10 -11.00
CA ILE B 129 -6.30 -0.72 -11.28
C ILE B 129 -5.31 -0.64 -12.45
N GLN B 130 -4.39 -1.61 -12.50
CA GLN B 130 -3.47 -1.74 -13.62
C GLN B 130 -4.25 -1.99 -14.92
N GLU B 131 -5.16 -2.97 -14.91
CA GLU B 131 -5.91 -3.34 -16.10
C GLU B 131 -6.84 -2.23 -16.62
N TYR B 132 -7.66 -1.68 -15.72
CA TYR B 132 -8.62 -0.65 -16.11
C TYR B 132 -8.00 0.74 -16.25
N GLY B 133 -6.89 0.96 -15.54
CA GLY B 133 -6.15 2.21 -15.64
C GLY B 133 -5.36 2.32 -16.93
N ASP B 134 -4.59 1.28 -17.24
CA ASP B 134 -3.76 1.24 -18.45
C ASP B 134 -4.59 1.29 -19.73
N SER B 135 -5.81 0.74 -19.69
CA SER B 135 -6.69 0.70 -20.86
C SER B 135 -7.51 1.99 -21.05
N GLY B 136 -7.32 2.94 -20.14
CA GLY B 136 -7.97 4.25 -20.23
C GLY B 136 -9.46 4.28 -19.90
N VAL B 137 -9.99 3.15 -19.42
CA VAL B 137 -11.40 3.03 -19.11
C VAL B 137 -11.76 3.79 -17.83
N ILE B 138 -10.91 3.65 -16.81
CA ILE B 138 -11.11 4.32 -15.52
C ILE B 138 -9.92 5.21 -15.19
N LYS B 139 -10.21 6.45 -14.79
CA LYS B 139 -9.20 7.39 -14.34
C LYS B 139 -9.24 7.58 -12.83
N ARG B 140 -10.43 7.44 -12.24
CA ARG B 140 -10.62 7.66 -10.82
C ARG B 140 -11.18 6.40 -10.14
N PHE B 141 -10.42 5.82 -9.22
CA PHE B 141 -10.91 4.71 -8.40
C PHE B 141 -11.27 5.20 -7.01
N VAL B 142 -12.40 4.73 -6.48
CA VAL B 142 -12.92 5.21 -5.21
C VAL B 142 -13.20 4.07 -4.24
N ILE B 143 -12.78 4.24 -2.99
CA ILE B 143 -13.17 3.33 -1.91
C ILE B 143 -13.86 4.13 -0.81
N LYS B 144 -15.10 3.74 -0.50
CA LYS B 144 -15.83 4.31 0.63
C LYS B 144 -15.98 3.24 1.69
N CYS B 145 -15.63 3.59 2.93
CA CYS B 145 -15.81 2.65 4.02
C CYS B 145 -16.05 3.35 5.34
N ILE B 146 -16.85 2.70 6.18
CA ILE B 146 -17.17 3.22 7.50
C ILE B 146 -15.90 3.48 8.32
N VAL B 147 -15.86 4.62 9.00
CA VAL B 147 -14.68 5.05 9.74
C VAL B 147 -14.21 3.98 10.73
N ASP B 148 -15.17 3.35 11.41
CA ASP B 148 -14.89 2.35 12.44
C ASP B 148 -14.46 0.98 11.89
N ASN B 149 -14.59 0.78 10.57
CA ASN B 149 -14.17 -0.47 9.95
C ASN B 149 -12.66 -0.47 9.75
N LYS B 150 -11.94 -1.01 10.74
CA LYS B 150 -10.48 -0.95 10.78
C LYS B 150 -9.83 -1.61 9.56
N LYS B 151 -10.26 -2.83 9.25
CA LYS B 151 -9.64 -3.60 8.17
C LYS B 151 -9.93 -3.03 6.77
N SER B 152 -11.13 -2.49 6.56
CA SER B 152 -11.44 -1.94 5.24
C SER B 152 -10.64 -0.66 4.97
N ASN B 153 -10.52 0.21 5.98
CA ASN B 153 -9.68 1.40 5.87
C ASN B 153 -8.23 1.03 5.62
N ALA B 154 -7.75 0.01 6.34
CA ALA B 154 -6.39 -0.48 6.20
C ALA B 154 -6.10 -0.92 4.76
N THR B 155 -7.06 -1.64 4.17
CA THR B 155 -6.93 -2.09 2.78
C THR B 155 -6.85 -0.92 1.81
N ALA B 156 -7.73 0.07 1.98
CA ALA B 156 -7.71 1.25 1.12
C ALA B 156 -6.33 1.93 1.16
N LEU B 157 -5.78 2.09 2.35
CA LEU B 157 -4.46 2.71 2.52
C LEU B 157 -3.34 1.87 1.93
N ARG B 158 -3.43 0.55 2.14
CA ARG B 158 -2.50 -0.44 1.60
C ARG B 158 -2.43 -0.39 0.06
N CYS B 159 -3.56 -0.07 -0.56
CA CYS B 159 -3.67 -0.01 -2.02
C CYS B 159 -3.22 1.34 -2.60
N GLY B 160 -2.74 2.21 -1.72
CA GLY B 160 -2.17 3.49 -2.13
C GLY B 160 -3.21 4.57 -2.42
N PHE B 161 -4.38 4.44 -1.80
CA PHE B 161 -5.45 5.44 -1.93
C PHE B 161 -5.24 6.57 -0.92
N THR B 162 -5.67 7.77 -1.30
CA THR B 162 -5.56 8.95 -0.43
C THR B 162 -6.92 9.32 0.14
N LEU B 163 -6.97 9.61 1.44
CA LEU B 163 -8.19 10.07 2.08
C LEU B 163 -8.59 11.45 1.60
N GLU B 164 -9.80 11.56 1.05
CA GLU B 164 -10.29 12.83 0.51
C GLU B 164 -11.18 13.57 1.50
N GLY B 165 -11.80 12.84 2.41
CA GLY B 165 -12.67 13.43 3.42
C GLY B 165 -13.55 12.43 4.14
N VAL B 166 -14.42 12.97 5.01
CA VAL B 166 -15.34 12.17 5.79
C VAL B 166 -16.78 12.49 5.38
N LEU B 167 -17.50 11.46 4.95
CA LEU B 167 -18.90 11.61 4.55
C LEU B 167 -19.76 11.29 5.75
N GLN B 168 -20.39 12.32 6.31
CA GLN B 168 -21.15 12.20 7.55
C GLN B 168 -22.42 11.37 7.40
N LYS B 169 -22.59 10.40 8.30
CA LYS B 169 -23.81 9.58 8.38
C LYS B 169 -24.25 9.06 7.01
N ALA B 170 -23.31 8.39 6.33
CA ALA B 170 -23.45 8.06 4.92
C ALA B 170 -23.76 6.59 4.63
N GLU B 171 -23.52 5.71 5.60
CA GLU B 171 -23.80 4.29 5.39
C GLU B 171 -24.59 3.69 6.55
N ILE B 172 -25.70 3.05 6.21
CA ILE B 172 -26.56 2.44 7.23
C ILE B 172 -26.28 0.95 7.37
N LEU B 173 -25.96 0.55 8.60
CA LEU B 173 -25.88 -0.86 8.97
C LEU B 173 -26.71 -1.07 10.21
N ASN B 174 -27.57 -2.09 10.17
CA ASN B 174 -28.37 -2.49 11.32
C ASN B 174 -29.11 -1.30 11.97
N GLY B 175 -29.67 -0.44 11.13
CA GLY B 175 -30.50 0.68 11.58
C GLY B 175 -29.79 1.94 12.04
N VAL B 176 -28.48 1.99 11.89
CA VAL B 176 -27.69 3.15 12.32
C VAL B 176 -26.91 3.71 11.13
N SER B 177 -26.92 5.03 10.97
CA SER B 177 -26.12 5.71 9.96
C SER B 177 -24.71 5.99 10.49
N TYR B 178 -23.70 5.54 9.76
CA TYR B 178 -22.30 5.71 10.14
C TYR B 178 -21.54 6.60 9.16
N ASP B 179 -20.60 7.37 9.69
CA ASP B 179 -19.67 8.16 8.87
C ASP B 179 -18.82 7.23 8.02
N GLN B 180 -18.54 7.67 6.79
CA GLN B 180 -17.61 6.97 5.90
C GLN B 180 -16.38 7.81 5.62
N ASN B 181 -15.24 7.14 5.49
CA ASN B 181 -14.08 7.74 4.85
C ASN B 181 -14.19 7.51 3.35
N ILE B 182 -13.90 8.54 2.56
CA ILE B 182 -13.84 8.39 1.11
C ILE B 182 -12.38 8.52 0.65
N TYR B 183 -11.91 7.48 -0.03
CA TYR B 183 -10.54 7.39 -0.53
C TYR B 183 -10.54 7.38 -2.06
N SER B 184 -9.48 7.89 -2.67
CA SER B 184 -9.34 7.80 -4.11
C SER B 184 -7.94 7.43 -4.55
N LYS B 185 -7.85 6.83 -5.73
CA LYS B 185 -6.60 6.67 -6.44
C LYS B 185 -6.85 7.11 -7.88
N VAL B 186 -6.15 8.17 -8.28
CA VAL B 186 -6.33 8.76 -9.61
C VAL B 186 -5.13 8.45 -10.50
N ILE B 187 -5.41 8.00 -11.72
CA ILE B 187 -4.39 7.70 -12.71
C ILE B 187 -4.14 8.91 -13.60
#